data_6QOX
#
_entry.id   6QOX
#
_cell.length_a   74.963
_cell.length_b   78.460
_cell.length_c   88.483
_cell.angle_alpha   90.000
_cell.angle_beta   90.000
_cell.angle_gamma   90.000
#
_symmetry.space_group_name_H-M   'P 21 21 21'
#
loop_
_entity.id
_entity.type
_entity.pdbx_description
1 polymer 'tRNA (guanine-N(1)-)-methyltransferase'
2 non-polymer 'methyl 2-(hydroxymethyl)-6~{H}-thieno[2,3-b]pyrrole-5-carboxylate'
3 water water
#
_entity_poly.entity_id   1
_entity_poly.type   'polypeptide(L)'
_entity_poly.pdbx_seq_one_letter_code
;GSMKIDVVTIFPEYLQPVRQSLPGKAIDAGLVDVAVHDLRRWTHDVHKSVDDSPYGGGPGMVMKPTVWGDALDEICTSET
LLVVPTPAGYPFTQETAWQWSTEDHLVIACGRYEGIDQRVADDAATRMRVREVSIGDYVLNGGEAAALVIIEAVLRLVPG
VLGNALSAQEDSHSEGMASLLEGPSYTRPPSWRGMDVPPVLLSGDHAKIAAWRAEQSRQRTIERRPDLLGFDSPTGEHGG
DGLS
;
_entity_poly.pdbx_strand_id   A,B
#
loop_
_chem_comp.id
_chem_comp.type
_chem_comp.name
_chem_comp.formula
JA5 non-polymer 'methyl 2-(hydroxymethyl)-6~{H}-thieno[2,3-b]pyrrole-5-carboxylate' 'C9 H9 N O3 S'
#
# COMPACT_ATOMS: atom_id res chain seq x y z
N SER A 2 -0.97 -17.59 16.42
CA SER A 2 -0.43 -16.76 17.49
C SER A 2 0.78 -15.95 17.01
N MET A 3 0.53 -14.73 16.55
CA MET A 3 1.59 -13.89 15.99
C MET A 3 1.79 -12.60 16.77
N LYS A 4 3.05 -12.25 17.01
CA LYS A 4 3.42 -10.94 17.52
C LYS A 4 4.04 -10.10 16.40
N ILE A 5 3.56 -8.87 16.24
CA ILE A 5 4.20 -7.93 15.30
C ILE A 5 4.68 -6.69 16.04
N ASP A 6 5.98 -6.40 15.95
CA ASP A 6 6.55 -5.16 16.44
C ASP A 6 6.85 -4.25 15.24
N VAL A 7 6.43 -2.99 15.30
CA VAL A 7 6.73 -2.03 14.22
C VAL A 7 7.58 -0.90 14.79
N VAL A 8 8.68 -0.55 14.12
CA VAL A 8 9.55 0.55 14.59
C VAL A 8 9.55 1.69 13.56
N THR A 9 9.32 2.93 14.04
CA THR A 9 9.05 4.07 13.15
C THR A 9 9.32 5.40 13.87
N ILE A 10 9.69 6.46 13.15
CA ILE A 10 9.70 7.79 13.77
C ILE A 10 8.31 8.46 13.75
N PHE A 11 7.32 7.78 13.17
CA PHE A 11 5.92 8.27 13.19
C PHE A 11 4.95 7.24 13.79
N PRO A 12 5.07 6.96 15.10
CA PRO A 12 4.21 5.93 15.70
C PRO A 12 2.70 6.17 15.54
N GLU A 13 2.29 7.43 15.43
CA GLU A 13 0.89 7.77 15.33
C GLU A 13 0.29 7.25 14.00
N TYR A 14 1.15 7.09 13.00
CA TYR A 14 0.75 6.57 11.69
C TYR A 14 0.19 5.16 11.78
N LEU A 15 0.65 4.40 12.75
CA LEU A 15 0.31 2.98 12.86
C LEU A 15 -0.91 2.73 13.73
N GLN A 16 -1.47 3.80 14.29
CA GLN A 16 -2.67 3.72 15.13
C GLN A 16 -3.87 2.95 14.54
N PRO A 17 -4.16 3.10 13.23
CA PRO A 17 -5.32 2.36 12.69
C PRO A 17 -5.19 0.85 12.76
N VAL A 18 -3.97 0.32 12.76
CA VAL A 18 -3.77 -1.12 12.89
C VAL A 18 -4.37 -1.62 14.20
N ARG A 19 -3.96 -1.00 15.29
CA ARG A 19 -4.44 -1.37 16.63
C ARG A 19 -5.96 -1.34 16.72
N GLN A 20 -6.57 -0.40 16.00
CA GLN A 20 -8.03 -0.25 16.01
C GLN A 20 -8.70 -1.22 15.04
N SER A 21 -7.95 -1.72 14.07
CA SER A 21 -8.48 -2.70 13.12
C SER A 21 -8.72 -4.05 13.77
N LEU A 22 -8.02 -4.31 14.87
CA LEU A 22 -7.99 -5.63 15.48
C LEU A 22 -9.26 -5.96 16.25
N PRO A 23 -9.92 -7.06 15.87
CA PRO A 23 -11.09 -7.59 16.58
C PRO A 23 -10.76 -7.93 18.04
N GLY A 24 -11.65 -7.55 18.95
CA GLY A 24 -11.45 -7.80 20.37
C GLY A 24 -11.29 -9.27 20.69
N LYS A 25 -12.09 -10.11 20.04
CA LYS A 25 -12.07 -11.55 20.29
C LYS A 25 -10.73 -12.19 19.91
N ALA A 26 -10.04 -11.64 18.90
CA ALA A 26 -8.77 -12.22 18.47
C ALA A 26 -7.66 -11.87 19.47
N ILE A 27 -7.77 -10.69 20.06
CA ILE A 27 -6.80 -10.26 21.06
C ILE A 27 -7.03 -11.03 22.36
N ASP A 28 -8.28 -11.12 22.78
CA ASP A 28 -8.65 -11.85 23.99
C ASP A 28 -8.29 -13.32 23.90
N ALA A 29 -8.34 -13.87 22.68
CA ALA A 29 -8.01 -15.27 22.46
C ALA A 29 -6.51 -15.48 22.30
N GLY A 30 -5.76 -14.38 22.38
CA GLY A 30 -4.30 -14.41 22.29
C GLY A 30 -3.79 -14.75 20.91
N LEU A 31 -4.59 -14.50 19.89
CA LEU A 31 -4.21 -14.83 18.52
C LEU A 31 -3.20 -13.85 17.96
N VAL A 32 -3.27 -12.60 18.38
CA VAL A 32 -2.47 -11.53 17.76
C VAL A 32 -2.13 -10.42 18.75
N ASP A 33 -0.93 -9.85 18.58
CA ASP A 33 -0.51 -8.67 19.33
C ASP A 33 0.32 -7.78 18.39
N VAL A 34 -0.07 -6.53 18.24
CA VAL A 34 0.71 -5.57 17.45
C VAL A 34 1.18 -4.42 18.34
N ALA A 35 2.50 -4.23 18.42
CA ALA A 35 3.06 -3.15 19.23
C ALA A 35 3.82 -2.17 18.34
N VAL A 36 3.68 -0.86 18.61
CA VAL A 36 4.40 0.16 17.85
C VAL A 36 5.41 0.88 18.73
N HIS A 37 6.62 1.05 18.22
CA HIS A 37 7.72 1.69 18.97
C HIS A 37 8.30 2.90 18.24
N ASP A 38 8.48 3.99 18.98
CA ASP A 38 9.12 5.21 18.47
C ASP A 38 10.63 4.98 18.38
N LEU A 39 11.19 5.07 17.18
CA LEU A 39 12.64 4.88 17.01
C LEU A 39 13.48 5.81 17.87
N ARG A 40 12.95 7.00 18.20
CA ARG A 40 13.77 7.97 18.94
C ARG A 40 14.07 7.50 20.38
N ARG A 41 13.38 6.46 20.83
CA ARG A 41 13.71 5.81 22.11
C ARG A 41 15.17 5.33 22.18
N TRP A 42 15.74 5.03 21.02
CA TRP A 42 17.09 4.45 20.98
C TRP A 42 18.13 5.45 20.48
N THR A 43 17.78 6.74 20.43
CA THR A 43 18.79 7.75 20.04
C THR A 43 19.79 8.03 21.19
N HIS A 44 20.96 8.57 20.85
CA HIS A 44 22.05 8.74 21.83
C HIS A 44 22.24 10.16 22.34
N ASP A 45 21.64 11.12 21.65
CA ASP A 45 21.95 12.53 21.89
C ASP A 45 20.72 13.34 22.31
N VAL A 46 20.97 14.51 22.88
CA VAL A 46 19.88 15.34 23.36
C VAL A 46 18.99 15.81 22.19
N HIS A 47 19.55 15.83 20.98
CA HIS A 47 18.78 16.26 19.80
C HIS A 47 17.99 15.13 19.13
N LYS A 48 18.11 13.91 19.68
CA LYS A 48 17.40 12.73 19.19
C LYS A 48 17.57 12.49 17.69
N SER A 49 18.83 12.49 17.25
CA SER A 49 19.19 12.39 15.82
C SER A 49 19.00 10.98 15.27
N VAL A 50 18.29 10.86 14.15
CA VAL A 50 18.10 9.55 13.53
C VAL A 50 18.72 9.42 12.14
N ASP A 51 19.24 10.52 11.61
CA ASP A 51 19.81 10.52 10.27
C ASP A 51 21.08 11.38 10.17
N ASP A 52 21.80 11.24 9.06
CA ASP A 52 23.12 11.87 8.86
C ASP A 52 23.42 11.88 7.35
N SER A 53 24.40 12.66 6.90
CA SER A 53 24.66 12.80 5.46
CA SER A 53 24.66 12.80 5.46
C SER A 53 25.26 11.53 4.83
N PRO A 54 24.92 11.26 3.55
CA PRO A 54 25.39 10.03 2.89
C PRO A 54 26.88 10.07 2.49
N TYR A 55 27.61 8.99 2.79
CA TYR A 55 28.97 8.84 2.31
C TYR A 55 28.97 8.78 0.79
N GLY A 56 29.92 9.48 0.16
CA GLY A 56 30.02 9.51 -1.28
C GLY A 56 29.17 10.62 -1.89
N GLY A 57 28.45 11.34 -1.03
CA GLY A 57 27.67 12.49 -1.47
C GLY A 57 26.28 12.14 -1.94
N GLY A 58 25.52 13.15 -2.31
CA GLY A 58 24.20 12.93 -2.85
C GLY A 58 23.13 13.67 -2.08
N PRO A 59 21.87 13.56 -2.56
CA PRO A 59 20.74 14.22 -1.94
C PRO A 59 20.16 13.43 -0.77
N GLY A 60 19.42 14.11 0.09
CA GLY A 60 18.76 13.44 1.19
C GLY A 60 19.70 13.05 2.31
N MET A 61 19.20 12.19 3.19
CA MET A 61 19.94 11.74 4.36
C MET A 61 19.78 10.23 4.50
N VAL A 62 20.63 9.62 5.32
CA VAL A 62 20.63 8.17 5.53
C VAL A 62 20.42 7.89 7.02
N MET A 63 19.59 6.89 7.36
CA MET A 63 19.32 6.65 8.78
C MET A 63 20.51 5.99 9.45
N LYS A 64 20.78 6.43 10.67
CA LYS A 64 22.00 6.04 11.42
C LYS A 64 22.05 4.55 11.82
N PRO A 65 23.19 3.89 11.57
CA PRO A 65 23.31 2.49 11.97
C PRO A 65 23.34 2.25 13.48
N THR A 66 23.95 3.16 14.25
CA THR A 66 24.04 2.92 15.69
C THR A 66 22.66 2.94 16.37
N VAL A 67 21.77 3.82 15.93
CA VAL A 67 20.43 3.91 16.51
C VAL A 67 19.60 2.67 16.15
N TRP A 68 19.56 2.32 14.86
CA TRP A 68 18.82 1.14 14.42
C TRP A 68 19.38 -0.16 15.03
N GLY A 69 20.71 -0.25 15.13
CA GLY A 69 21.32 -1.44 15.71
C GLY A 69 20.88 -1.69 17.14
N ASP A 70 20.83 -0.62 17.94
CA ASP A 70 20.35 -0.74 19.32
C ASP A 70 18.88 -1.16 19.40
N ALA A 71 18.03 -0.56 18.55
CA ALA A 71 16.61 -0.88 18.55
C ALA A 71 16.36 -2.36 18.19
N LEU A 72 17.01 -2.83 17.14
CA LEU A 72 16.80 -4.22 16.71
C LEU A 72 17.41 -5.21 17.71
N ASP A 73 18.53 -4.85 18.35
CA ASP A 73 19.15 -5.68 19.39
C ASP A 73 18.14 -5.95 20.51
N GLU A 74 17.37 -4.94 20.86
CA GLU A 74 16.42 -5.08 21.97
C GLU A 74 15.16 -5.86 21.57
N ILE A 75 14.65 -5.60 20.37
CA ILE A 75 13.34 -6.11 19.96
C ILE A 75 13.40 -7.50 19.30
N CYS A 76 14.48 -7.79 18.56
CA CYS A 76 14.59 -9.05 17.81
C CYS A 76 15.21 -10.20 18.60
N THR A 77 14.85 -11.44 18.22
CA THR A 77 15.55 -12.65 18.65
C THR A 77 15.98 -13.47 17.44
N SER A 78 16.66 -14.59 17.68
CA SER A 78 17.06 -15.47 16.59
C SER A 78 15.87 -15.98 15.76
N GLU A 79 14.69 -16.02 16.38
CA GLU A 79 13.49 -16.53 15.69
C GLU A 79 12.71 -15.46 14.89
N THR A 80 13.09 -14.19 15.01
CA THR A 80 12.40 -13.07 14.32
C THR A 80 12.53 -13.13 12.80
N LEU A 81 11.46 -12.82 12.09
CA LEU A 81 11.55 -12.48 10.67
C LEU A 81 11.53 -10.95 10.55
N LEU A 82 12.65 -10.37 10.13
CA LEU A 82 12.80 -8.91 10.06
C LEU A 82 12.41 -8.44 8.66
N VAL A 83 11.41 -7.57 8.57
CA VAL A 83 10.87 -7.11 7.30
C VAL A 83 11.25 -5.64 7.12
N VAL A 84 11.87 -5.31 5.98
CA VAL A 84 12.29 -3.92 5.73
C VAL A 84 11.68 -3.43 4.42
N PRO A 85 10.58 -2.66 4.51
CA PRO A 85 9.96 -2.16 3.28
C PRO A 85 10.83 -1.12 2.57
N THR A 86 11.06 -1.33 1.27
CA THR A 86 11.91 -0.42 0.50
C THR A 86 11.61 -0.56 -1.00
N PRO A 87 11.63 0.56 -1.73
CA PRO A 87 11.41 0.48 -3.18
C PRO A 87 12.49 -0.37 -3.90
N ALA A 88 13.63 -0.62 -3.24
CA ALA A 88 14.67 -1.46 -3.83
C ALA A 88 14.55 -2.94 -3.45
N GLY A 89 13.41 -3.33 -2.91
CA GLY A 89 13.26 -4.69 -2.40
C GLY A 89 12.80 -5.73 -3.42
N TYR A 90 12.80 -6.99 -3.01
CA TYR A 90 12.12 -8.06 -3.73
C TYR A 90 10.60 -7.78 -3.70
N PRO A 91 9.84 -8.22 -4.71
CA PRO A 91 8.39 -7.93 -4.67
C PRO A 91 7.63 -8.69 -3.57
N PHE A 92 6.80 -7.97 -2.83
CA PHE A 92 5.87 -8.56 -1.87
C PHE A 92 4.63 -9.04 -2.64
N THR A 93 4.37 -10.35 -2.61
CA THR A 93 3.22 -10.95 -3.34
C THR A 93 2.26 -11.69 -2.40
N GLN A 94 1.16 -12.22 -2.93
CA GLN A 94 0.24 -12.99 -2.10
C GLN A 94 0.92 -14.24 -1.56
N GLU A 95 1.84 -14.81 -2.34
CA GLU A 95 2.61 -15.95 -1.88
C GLU A 95 3.44 -15.58 -0.66
N THR A 96 4.02 -14.39 -0.70
CA THR A 96 4.78 -13.87 0.44
C THR A 96 3.90 -13.77 1.68
N ALA A 97 2.72 -13.18 1.51
CA ALA A 97 1.77 -13.02 2.63
C ALA A 97 1.41 -14.37 3.28
N TRP A 98 1.14 -15.39 2.45
CA TRP A 98 0.82 -16.73 2.96
C TRP A 98 1.97 -17.31 3.77
N GLN A 99 3.19 -17.16 3.24
CA GLN A 99 4.37 -17.68 3.91
C GLN A 99 4.54 -17.05 5.30
N TRP A 100 4.39 -15.73 5.38
CA TRP A 100 4.62 -15.00 6.62
C TRP A 100 3.48 -15.17 7.64
N SER A 101 2.30 -15.57 7.16
CA SER A 101 1.14 -15.75 8.04
C SER A 101 1.30 -16.82 9.12
N THR A 102 2.30 -17.70 8.99
CA THR A 102 2.51 -18.74 9.98
C THR A 102 3.72 -18.44 10.90
N GLU A 103 4.28 -17.25 10.78
CA GLU A 103 5.43 -16.84 11.59
C GLU A 103 5.02 -16.49 13.02
N ASP A 104 5.89 -16.77 13.99
CA ASP A 104 5.62 -16.43 15.39
C ASP A 104 5.88 -14.94 15.69
N HIS A 105 6.87 -14.36 15.01
CA HIS A 105 7.31 -12.98 15.31
C HIS A 105 7.80 -12.22 14.08
N LEU A 106 7.07 -11.19 13.66
CA LEU A 106 7.53 -10.27 12.63
C LEU A 106 7.96 -8.93 13.26
N VAL A 107 9.09 -8.40 12.82
CA VAL A 107 9.50 -7.04 13.17
C VAL A 107 9.60 -6.22 11.88
N ILE A 108 8.87 -5.12 11.82
CA ILE A 108 8.87 -4.29 10.61
C ILE A 108 9.62 -2.97 10.86
N ALA A 109 10.73 -2.80 10.15
CA ALA A 109 11.59 -1.63 10.30
C ALA A 109 11.25 -0.56 9.26
N CYS A 110 10.58 0.52 9.68
CA CYS A 110 10.15 1.58 8.75
C CYS A 110 11.21 2.66 8.59
N GLY A 111 11.72 2.81 7.37
CA GLY A 111 12.73 3.82 7.11
C GLY A 111 12.18 5.04 6.40
N ARG A 112 13.01 6.07 6.32
CA ARG A 112 12.63 7.34 5.71
C ARG A 112 13.85 7.98 5.05
N TYR A 113 13.68 9.20 4.53
CA TYR A 113 14.72 9.83 3.72
C TYR A 113 15.11 8.90 2.57
N GLU A 114 16.40 8.54 2.50
CA GLU A 114 16.91 7.76 1.37
C GLU A 114 17.29 6.32 1.77
N GLY A 115 16.82 5.88 2.93
CA GLY A 115 17.08 4.52 3.39
C GLY A 115 17.85 4.41 4.70
N ILE A 116 18.00 3.17 5.16
CA ILE A 116 18.75 2.82 6.36
C ILE A 116 20.15 2.35 5.96
N ASP A 117 21.19 2.80 6.67
CA ASP A 117 22.57 2.33 6.43
C ASP A 117 22.55 0.81 6.18
N GLN A 118 23.17 0.35 5.09
CA GLN A 118 23.02 -1.05 4.66
C GLN A 118 23.61 -2.06 5.67
N ARG A 119 24.53 -1.60 6.50
CA ARG A 119 25.14 -2.49 7.50
C ARG A 119 24.15 -2.97 8.56
N VAL A 120 23.05 -2.24 8.75
CA VAL A 120 22.04 -2.66 9.71
C VAL A 120 21.43 -3.99 9.28
N ALA A 121 20.93 -4.06 8.05
CA ALA A 121 20.32 -5.29 7.55
C ALA A 121 21.35 -6.40 7.40
N ASP A 122 22.56 -6.05 6.95
CA ASP A 122 23.60 -7.05 6.71
C ASP A 122 24.05 -7.67 8.04
N ASP A 123 24.18 -6.85 9.08
CA ASP A 123 24.52 -7.36 10.41
C ASP A 123 23.38 -8.24 10.95
N ALA A 124 22.15 -7.77 10.82
CA ALA A 124 21.01 -8.56 11.31
C ALA A 124 20.94 -9.93 10.62
N ALA A 125 21.28 -9.97 9.33
CA ALA A 125 21.15 -11.21 8.55
C ALA A 125 22.13 -12.30 8.99
N THR A 126 23.12 -11.93 9.82
CA THR A 126 24.06 -12.93 10.34
C THR A 126 23.49 -13.70 11.53
N ARG A 127 22.34 -13.29 12.06
CA ARG A 127 21.76 -14.04 13.17
C ARG A 127 20.23 -14.23 13.12
N MET A 128 19.57 -13.70 12.09
CA MET A 128 18.13 -13.90 11.88
C MET A 128 17.80 -13.82 10.39
N ARG A 129 16.58 -14.22 10.01
CA ARG A 129 16.15 -14.08 8.62
C ARG A 129 15.70 -12.64 8.32
N VAL A 130 16.18 -12.06 7.23
CA VAL A 130 15.88 -10.67 6.87
C VAL A 130 15.28 -10.61 5.46
N ARG A 131 14.20 -9.83 5.29
CA ARG A 131 13.55 -9.71 3.98
C ARG A 131 13.32 -8.25 3.61
N GLU A 132 14.02 -7.76 2.59
CA GLU A 132 13.77 -6.40 2.11
C GLU A 132 12.76 -6.48 0.96
N VAL A 133 11.64 -5.79 1.07
CA VAL A 133 10.56 -5.97 0.08
C VAL A 133 9.89 -4.67 -0.37
N SER A 134 9.42 -4.66 -1.62
CA SER A 134 8.65 -3.55 -2.18
CA SER A 134 8.65 -3.54 -2.16
C SER A 134 7.19 -3.95 -2.39
N ILE A 135 6.25 -3.06 -2.12
CA ILE A 135 4.83 -3.41 -2.33
C ILE A 135 4.30 -2.99 -3.70
N GLY A 136 5.14 -2.33 -4.50
CA GLY A 136 4.75 -1.98 -5.86
C GLY A 136 5.73 -1.06 -6.54
N ASP A 137 5.44 -0.71 -7.80
CA ASP A 137 6.36 0.13 -8.56
C ASP A 137 6.00 1.62 -8.50
N TYR A 138 6.11 2.17 -7.31
CA TYR A 138 5.92 3.59 -7.08
C TYR A 138 6.79 3.92 -5.88
N VAL A 139 7.19 5.18 -5.76
CA VAL A 139 7.99 5.59 -4.62
C VAL A 139 7.13 6.32 -3.59
N LEU A 140 7.32 5.95 -2.34
CA LEU A 140 6.75 6.61 -1.17
C LEU A 140 7.85 7.30 -0.37
N ASN A 141 7.49 8.31 0.42
CA ASN A 141 8.48 9.02 1.24
C ASN A 141 9.08 8.17 2.35
N GLY A 142 8.32 7.19 2.85
CA GLY A 142 8.84 6.31 3.86
C GLY A 142 8.09 5.00 3.91
N GLY A 143 8.51 4.10 4.79
CA GLY A 143 7.96 2.75 4.80
C GLY A 143 6.65 2.52 5.54
N GLU A 144 6.13 3.54 6.22
CA GLU A 144 4.92 3.37 7.07
C GLU A 144 3.66 2.88 6.30
N ALA A 145 3.34 3.49 5.16
CA ALA A 145 2.15 3.03 4.43
C ALA A 145 2.29 1.61 3.90
N ALA A 146 3.51 1.22 3.53
CA ALA A 146 3.79 -0.14 3.11
C ALA A 146 3.65 -1.11 4.26
N ALA A 147 4.04 -0.69 5.47
CA ALA A 147 3.86 -1.54 6.65
C ALA A 147 2.36 -1.82 6.90
N LEU A 148 1.53 -0.79 6.75
CA LEU A 148 0.07 -0.97 6.89
C LEU A 148 -0.48 -2.02 5.89
N VAL A 149 -0.01 -1.94 4.65
CA VAL A 149 -0.44 -2.90 3.62
C VAL A 149 0.02 -4.33 3.96
N ILE A 150 1.29 -4.49 4.30
CA ILE A 150 1.81 -5.81 4.69
C ILE A 150 1.07 -6.40 5.90
N ILE A 151 0.87 -5.59 6.94
CA ILE A 151 0.17 -6.08 8.13
C ILE A 151 -1.24 -6.56 7.79
N GLU A 152 -1.97 -5.79 6.99
CA GLU A 152 -3.33 -6.19 6.63
C GLU A 152 -3.33 -7.46 5.76
N ALA A 153 -2.45 -7.53 4.77
CA ALA A 153 -2.40 -8.69 3.87
C ALA A 153 -2.02 -9.98 4.60
N VAL A 154 -1.15 -9.86 5.60
CA VAL A 154 -0.69 -11.02 6.37
C VAL A 154 -1.73 -11.45 7.40
N LEU A 155 -2.20 -10.52 8.23
CA LEU A 155 -3.10 -10.89 9.33
C LEU A 155 -4.45 -11.42 8.85
N ARG A 156 -4.92 -11.01 7.67
CA ARG A 156 -6.22 -11.50 7.21
C ARG A 156 -6.15 -13.00 6.85
N LEU A 157 -4.94 -13.54 6.73
CA LEU A 157 -4.74 -14.97 6.48
C LEU A 157 -4.54 -15.79 7.75
N VAL A 158 -4.36 -15.13 8.88
CA VAL A 158 -4.17 -15.86 10.13
C VAL A 158 -5.51 -16.37 10.64
N PRO A 159 -5.59 -17.69 10.86
CA PRO A 159 -6.81 -18.33 11.37
C PRO A 159 -7.32 -17.63 12.63
N GLY A 160 -8.43 -16.90 12.49
CA GLY A 160 -9.04 -16.24 13.63
C GLY A 160 -9.20 -14.73 13.51
N VAL A 161 -8.14 -14.06 13.06
CA VAL A 161 -8.08 -12.61 13.06
C VAL A 161 -8.97 -12.04 11.93
N LEU A 162 -9.64 -12.95 11.22
CA LEU A 162 -10.62 -12.59 10.21
C LEU A 162 -11.88 -13.44 10.37
N SER A 179 -3.52 -15.49 -11.82
CA SER A 179 -4.58 -16.22 -12.51
C SER A 179 -5.41 -15.29 -13.41
N LEU A 180 -6.65 -15.03 -13.00
CA LEU A 180 -7.52 -14.12 -13.73
C LEU A 180 -8.15 -13.12 -12.78
N LEU A 181 -8.58 -11.99 -13.33
CA LEU A 181 -9.24 -10.96 -12.53
C LEU A 181 -10.71 -11.30 -12.30
N GLU A 182 -11.25 -10.84 -11.16
CA GLU A 182 -12.68 -10.96 -10.89
C GLU A 182 -13.47 -10.00 -11.78
N GLY A 183 -14.62 -10.47 -12.28
CA GLY A 183 -15.49 -9.68 -13.15
C GLY A 183 -16.42 -8.81 -12.31
N PRO A 184 -17.39 -8.14 -12.97
CA PRO A 184 -18.27 -7.21 -12.25
C PRO A 184 -19.25 -7.91 -11.30
N SER A 185 -19.65 -7.21 -10.23
CA SER A 185 -20.65 -7.68 -9.27
C SER A 185 -21.85 -6.75 -9.23
N TYR A 186 -23.01 -7.30 -8.87
CA TYR A 186 -24.26 -6.55 -8.82
C TYR A 186 -25.11 -6.95 -7.61
N THR A 187 -25.88 -5.99 -7.09
CA THR A 187 -26.92 -6.31 -6.10
C THR A 187 -28.16 -5.42 -6.33
N ARG A 188 -29.13 -5.47 -5.39
CA ARG A 188 -30.36 -4.69 -5.51
CA ARG A 188 -30.36 -4.69 -5.49
C ARG A 188 -30.09 -3.19 -5.59
N PRO A 189 -30.92 -2.45 -6.37
CA PRO A 189 -32.12 -2.87 -7.12
C PRO A 189 -31.80 -3.38 -8.54
N PRO A 190 -32.74 -4.13 -9.16
CA PRO A 190 -32.48 -4.75 -10.47
C PRO A 190 -32.30 -3.73 -11.59
N SER A 191 -32.88 -2.54 -11.41
CA SER A 191 -32.67 -1.46 -12.36
CA SER A 191 -32.71 -1.44 -12.35
C SER A 191 -32.36 -0.17 -11.60
N TRP A 192 -31.32 0.54 -12.04
CA TRP A 192 -30.84 1.74 -11.35
C TRP A 192 -30.25 2.73 -12.35
N ARG A 193 -30.76 3.95 -12.35
CA ARG A 193 -30.32 5.01 -13.26
C ARG A 193 -30.20 4.53 -14.72
N GLY A 194 -31.15 3.72 -15.14
CA GLY A 194 -31.25 3.30 -16.53
C GLY A 194 -30.45 2.06 -16.87
N MET A 195 -29.77 1.48 -15.88
CA MET A 195 -28.91 0.33 -16.09
C MET A 195 -29.46 -0.92 -15.40
N ASP A 196 -29.66 -1.98 -16.17
CA ASP A 196 -30.23 -3.24 -15.65
C ASP A 196 -29.13 -4.24 -15.28
N VAL A 197 -29.37 -5.03 -14.24
CA VAL A 197 -28.47 -6.14 -13.92
C VAL A 197 -28.55 -7.13 -15.08
N PRO A 198 -27.40 -7.67 -15.53
CA PRO A 198 -27.42 -8.64 -16.62
C PRO A 198 -28.41 -9.79 -16.37
N PRO A 199 -29.36 -9.99 -17.29
CA PRO A 199 -30.46 -10.94 -17.10
C PRO A 199 -30.00 -12.36 -16.79
N VAL A 200 -28.87 -12.77 -17.35
CA VAL A 200 -28.34 -14.11 -17.08
C VAL A 200 -28.19 -14.37 -15.56
N LEU A 201 -27.89 -13.35 -14.78
CA LEU A 201 -27.71 -13.54 -13.33
C LEU A 201 -29.02 -13.86 -12.60
N LEU A 202 -30.15 -13.57 -13.25
CA LEU A 202 -31.47 -13.86 -12.70
C LEU A 202 -32.10 -15.11 -13.31
N SER A 203 -31.34 -15.83 -14.13
CA SER A 203 -31.89 -16.92 -14.93
C SER A 203 -32.12 -18.22 -14.17
N GLY A 204 -31.42 -18.40 -13.06
CA GLY A 204 -31.43 -19.66 -12.35
C GLY A 204 -30.78 -20.81 -13.13
N ASP A 205 -30.01 -20.48 -14.17
CA ASP A 205 -29.21 -21.47 -14.87
C ASP A 205 -27.78 -21.34 -14.36
N HIS A 206 -27.40 -22.12 -13.33
CA HIS A 206 -26.17 -21.79 -12.64
C HIS A 206 -24.91 -22.24 -13.38
N ALA A 207 -25.02 -23.21 -14.29
CA ALA A 207 -23.88 -23.53 -15.15
C ALA A 207 -23.64 -22.40 -16.16
N LYS A 208 -24.72 -21.84 -16.70
CA LYS A 208 -24.60 -20.72 -17.64
C LYS A 208 -24.04 -19.46 -16.95
N ILE A 209 -24.47 -19.21 -15.72
CA ILE A 209 -23.96 -18.08 -14.95
C ILE A 209 -22.45 -18.21 -14.75
N ALA A 210 -21.99 -19.42 -14.41
CA ALA A 210 -20.56 -19.62 -14.22
C ALA A 210 -19.77 -19.39 -15.51
N ALA A 211 -20.31 -19.82 -16.65
CA ALA A 211 -19.63 -19.59 -17.93
C ALA A 211 -19.59 -18.10 -18.29
N TRP A 212 -20.67 -17.37 -17.98
CA TRP A 212 -20.72 -15.94 -18.26
C TRP A 212 -19.66 -15.18 -17.44
N ARG A 213 -19.58 -15.50 -16.15
CA ARG A 213 -18.57 -14.92 -15.28
C ARG A 213 -17.15 -15.23 -15.73
N ALA A 214 -16.94 -16.45 -16.24
CA ALA A 214 -15.62 -16.83 -16.74
C ALA A 214 -15.22 -15.97 -17.94
N GLU A 215 -16.15 -15.75 -18.86
CA GLU A 215 -15.88 -14.91 -20.02
C GLU A 215 -15.67 -13.45 -19.61
N GLN A 216 -16.42 -12.96 -18.61
CA GLN A 216 -16.21 -11.59 -18.14
C GLN A 216 -14.81 -11.42 -17.57
N SER A 217 -14.38 -12.43 -16.82
CA SER A 217 -13.03 -12.47 -16.26
CA SER A 217 -13.03 -12.44 -16.26
C SER A 217 -11.97 -12.45 -17.36
N ARG A 218 -12.16 -13.29 -18.38
CA ARG A 218 -11.19 -13.35 -19.45
C ARG A 218 -11.06 -12.00 -20.16
N GLN A 219 -12.17 -11.36 -20.47
CA GLN A 219 -12.11 -10.09 -21.20
C GLN A 219 -11.49 -8.99 -20.34
N ARG A 220 -11.80 -8.97 -19.05
CA ARG A 220 -11.28 -7.93 -18.17
C ARG A 220 -9.77 -8.12 -18.00
N THR A 221 -9.32 -9.37 -17.93
CA THR A 221 -7.89 -9.65 -17.76
C THR A 221 -7.11 -9.24 -19.01
N ILE A 222 -7.63 -9.54 -20.19
CA ILE A 222 -7.01 -9.11 -21.44
C ILE A 222 -6.87 -7.58 -21.52
N GLU A 223 -7.94 -6.87 -21.12
CA GLU A 223 -7.95 -5.41 -21.22
C GLU A 223 -7.06 -4.72 -20.17
N ARG A 224 -7.09 -5.21 -18.94
CA ARG A 224 -6.48 -4.47 -17.84
C ARG A 224 -5.12 -5.02 -17.37
N ARG A 225 -4.91 -6.33 -17.52
CA ARG A 225 -3.71 -7.00 -17.01
C ARG A 225 -3.20 -8.08 -17.97
N PRO A 226 -2.81 -7.71 -19.20
CA PRO A 226 -2.34 -8.72 -20.17
C PRO A 226 -1.07 -9.44 -19.69
N ASP A 227 -0.36 -8.86 -18.73
CA ASP A 227 0.83 -9.49 -18.17
C ASP A 227 0.50 -10.82 -17.47
N LEU A 228 -0.73 -10.96 -16.99
CA LEU A 228 -1.17 -12.18 -16.30
C LEU A 228 -1.39 -13.33 -17.26
N LEU A 229 -1.49 -13.01 -18.55
CA LEU A 229 -1.71 -14.02 -19.57
C LEU A 229 -0.45 -14.28 -20.37
N SER B 2 -2.46 23.56 -6.19
CA SER B 2 -3.57 23.34 -5.26
C SER B 2 -4.36 22.11 -5.69
N MET B 3 -4.47 21.16 -4.78
CA MET B 3 -5.22 19.94 -5.03
C MET B 3 -6.22 19.70 -3.90
N LYS B 4 -7.40 19.20 -4.25
CA LYS B 4 -8.37 18.75 -3.26
C LYS B 4 -8.53 17.24 -3.36
N ILE B 5 -8.49 16.55 -2.23
CA ILE B 5 -8.74 15.11 -2.21
C ILE B 5 -9.86 14.77 -1.23
N ASP B 6 -10.92 14.14 -1.74
CA ASP B 6 -11.99 13.62 -0.88
C ASP B 6 -11.91 12.09 -0.84
N VAL B 7 -11.99 11.51 0.36
CA VAL B 7 -12.04 10.05 0.51
C VAL B 7 -13.37 9.62 1.11
N VAL B 8 -14.02 8.62 0.53
CA VAL B 8 -15.32 8.13 1.02
C VAL B 8 -15.16 6.68 1.45
N THR B 9 -15.62 6.38 2.67
CA THR B 9 -15.34 5.09 3.34
C THR B 9 -16.36 4.83 4.45
N ILE B 10 -16.62 3.57 4.78
CA ILE B 10 -17.38 3.24 5.98
C ILE B 10 -16.47 3.13 7.23
N PHE B 11 -15.16 3.27 7.02
CA PHE B 11 -14.23 3.35 8.16
C PHE B 11 -13.37 4.62 8.15
N PRO B 12 -14.00 5.79 8.34
CA PRO B 12 -13.28 7.07 8.35
C PRO B 12 -12.09 7.11 9.34
N GLU B 13 -12.19 6.38 10.45
CA GLU B 13 -11.13 6.42 11.45
C GLU B 13 -9.80 5.85 10.92
N TYR B 14 -9.87 4.95 9.94
CA TYR B 14 -8.67 4.37 9.35
C TYR B 14 -7.83 5.38 8.56
N LEU B 15 -8.44 6.48 8.14
CA LEU B 15 -7.76 7.45 7.26
C LEU B 15 -7.12 8.60 8.05
N GLN B 16 -7.19 8.52 9.37
CA GLN B 16 -6.48 9.45 10.25
C GLN B 16 -4.96 9.57 9.99
N PRO B 17 -4.26 8.46 9.63
CA PRO B 17 -2.84 8.57 9.28
C PRO B 17 -2.48 9.63 8.25
N VAL B 18 -3.46 10.11 7.48
CA VAL B 18 -3.23 11.17 6.51
C VAL B 18 -2.80 12.45 7.23
N ARG B 19 -3.01 12.50 8.54
CA ARG B 19 -2.58 13.62 9.38
C ARG B 19 -1.13 13.47 9.80
N LEU B 22 4.04 12.70 5.85
CA LEU B 22 4.35 13.48 4.66
C LEU B 22 3.10 14.21 4.11
N PRO B 23 1.95 13.52 4.00
CA PRO B 23 0.74 14.29 3.65
C PRO B 23 0.36 15.31 4.72
N GLY B 24 0.74 15.05 5.97
CA GLY B 24 0.46 15.98 7.06
C GLY B 24 1.16 17.31 6.88
N LYS B 25 2.40 17.27 6.42
CA LYS B 25 3.17 18.50 6.22
C LYS B 25 2.67 19.24 4.99
N ALA B 26 2.19 18.50 4.00
CA ALA B 26 1.63 19.11 2.79
C ALA B 26 0.36 19.90 3.08
N ILE B 27 -0.50 19.35 3.94
CA ILE B 27 -1.72 20.03 4.36
C ILE B 27 -1.39 21.32 5.12
N ASP B 28 -0.43 21.24 6.04
CA ASP B 28 -0.04 22.36 6.86
C ASP B 28 0.46 23.54 6.03
N ALA B 29 1.17 23.24 4.95
CA ALA B 29 1.70 24.27 4.06
C ALA B 29 0.60 24.89 3.20
N GLY B 30 -0.54 24.22 3.12
CA GLY B 30 -1.71 24.75 2.43
C GLY B 30 -1.72 24.47 0.93
N LEU B 31 -0.94 23.46 0.52
CA LEU B 31 -0.90 23.08 -0.89
C LEU B 31 -2.07 22.16 -1.24
N VAL B 32 -2.31 21.17 -0.39
CA VAL B 32 -3.41 20.24 -0.60
C VAL B 32 -4.40 20.31 0.56
N ASP B 33 -5.62 19.90 0.30
CA ASP B 33 -6.62 19.73 1.35
C ASP B 33 -7.21 18.32 1.22
N VAL B 34 -7.19 17.57 2.31
CA VAL B 34 -7.74 16.21 2.32
C VAL B 34 -8.92 16.14 3.28
N ALA B 35 -10.05 15.63 2.79
CA ALA B 35 -11.25 15.50 3.62
C ALA B 35 -11.75 14.06 3.54
N VAL B 36 -12.23 13.54 4.67
CA VAL B 36 -12.70 12.16 4.76
C VAL B 36 -14.18 12.12 5.12
N HIS B 37 -14.95 11.34 4.37
CA HIS B 37 -16.41 11.27 4.53
C HIS B 37 -16.91 9.86 4.84
N ASP B 38 -17.77 9.75 5.85
CA ASP B 38 -18.45 8.51 6.20
C ASP B 38 -19.57 8.22 5.19
N LEU B 39 -19.46 7.10 4.49
CA LEU B 39 -20.47 6.71 3.49
C LEU B 39 -21.88 6.62 4.11
N ARG B 40 -21.96 6.22 5.37
CA ARG B 40 -23.27 6.04 6.01
C ARG B 40 -24.07 7.35 6.19
N ARG B 41 -23.42 8.49 6.00
CA ARG B 41 -24.14 9.76 6.04
C ARG B 41 -25.23 9.87 4.97
N TRP B 42 -25.07 9.11 3.88
CA TRP B 42 -25.97 9.19 2.75
C TRP B 42 -27.01 8.07 2.75
N THR B 43 -27.13 7.36 3.86
CA THR B 43 -28.18 6.34 4.02
C THR B 43 -29.46 7.01 4.53
N HIS B 44 -30.56 6.27 4.53
CA HIS B 44 -31.84 6.82 4.97
C HIS B 44 -32.61 5.90 5.92
N ASP B 45 -32.26 4.63 5.94
CA ASP B 45 -32.95 3.66 6.81
C ASP B 45 -32.37 3.69 8.23
N VAL B 46 -33.08 3.06 9.17
CA VAL B 46 -32.67 3.08 10.57
C VAL B 46 -31.39 2.27 10.81
N HIS B 47 -31.17 1.24 10.00
CA HIS B 47 -30.02 0.37 10.17
C HIS B 47 -28.80 0.83 9.37
N LYS B 48 -28.98 1.89 8.58
CA LYS B 48 -27.90 2.45 7.75
C LYS B 48 -27.22 1.40 6.88
N SER B 49 -28.02 0.61 6.14
CA SER B 49 -27.50 -0.51 5.37
C SER B 49 -26.82 -0.08 4.08
N VAL B 50 -25.61 -0.59 3.83
CA VAL B 50 -24.91 -0.22 2.61
C VAL B 50 -24.61 -1.42 1.72
N ASP B 51 -25.04 -2.62 2.12
CA ASP B 51 -24.70 -3.83 1.35
C ASP B 51 -25.83 -4.85 1.25
N ASP B 52 -25.78 -5.72 0.24
CA ASP B 52 -26.73 -6.83 0.11
C ASP B 52 -26.10 -7.97 -0.67
N SER B 53 -26.79 -9.11 -0.73
CA SER B 53 -26.25 -10.31 -1.36
C SER B 53 -26.12 -10.16 -2.89
N PRO B 54 -25.15 -10.87 -3.51
CA PRO B 54 -24.93 -10.67 -4.95
C PRO B 54 -25.98 -11.34 -5.84
N TYR B 55 -26.42 -10.64 -6.86
CA TYR B 55 -27.21 -11.29 -7.91
C TYR B 55 -26.37 -12.37 -8.59
N GLY B 56 -26.96 -13.55 -8.80
CA GLY B 56 -26.24 -14.62 -9.47
C GLY B 56 -25.53 -15.57 -8.51
N GLY B 57 -25.54 -15.24 -7.22
CA GLY B 57 -24.95 -16.11 -6.23
C GLY B 57 -23.50 -15.79 -5.91
N GLY B 58 -22.95 -16.47 -4.91
CA GLY B 58 -21.58 -16.25 -4.51
C GLY B 58 -21.47 -15.92 -3.04
N PRO B 59 -20.24 -15.95 -2.51
CA PRO B 59 -20.01 -15.64 -1.10
C PRO B 59 -19.97 -14.14 -0.83
N GLY B 60 -20.29 -13.75 0.39
CA GLY B 60 -20.15 -12.37 0.80
C GLY B 60 -21.25 -11.43 0.33
N MET B 61 -20.95 -10.15 0.35
CA MET B 61 -21.93 -9.10 0.08
C MET B 61 -21.35 -8.09 -0.90
N VAL B 62 -22.23 -7.31 -1.51
CA VAL B 62 -21.88 -6.27 -2.47
C VAL B 62 -22.43 -4.92 -1.99
N MET B 63 -21.64 -3.86 -2.10
CA MET B 63 -22.14 -2.54 -1.72
C MET B 63 -23.18 -2.04 -2.71
N LYS B 64 -24.30 -1.56 -2.18
CA LYS B 64 -25.43 -1.05 -2.95
C LYS B 64 -25.08 0.20 -3.75
N PRO B 65 -25.56 0.30 -5.00
CA PRO B 65 -25.29 1.49 -5.82
C PRO B 65 -26.02 2.75 -5.35
N THR B 66 -27.17 2.58 -4.72
CA THR B 66 -28.02 3.72 -4.33
C THR B 66 -27.28 4.71 -3.41
N VAL B 67 -26.71 4.17 -2.34
CA VAL B 67 -25.97 4.98 -1.38
C VAL B 67 -24.73 5.66 -2.00
N TRP B 68 -23.98 4.91 -2.81
CA TRP B 68 -22.81 5.47 -3.50
C TRP B 68 -23.19 6.57 -4.48
N GLY B 69 -24.26 6.34 -5.25
CA GLY B 69 -24.77 7.35 -6.17
C GLY B 69 -25.08 8.68 -5.50
N ASP B 70 -25.72 8.63 -4.34
CA ASP B 70 -26.06 9.87 -3.63
C ASP B 70 -24.81 10.56 -3.10
N ALA B 71 -23.85 9.78 -2.61
CA ALA B 71 -22.62 10.37 -2.09
C ALA B 71 -21.84 11.08 -3.20
N LEU B 72 -21.66 10.39 -4.32
CA LEU B 72 -20.84 10.91 -5.41
C LEU B 72 -21.54 12.08 -6.12
N ASP B 73 -22.87 12.07 -6.14
CA ASP B 73 -23.64 13.21 -6.67
C ASP B 73 -23.26 14.50 -5.95
N GLU B 74 -23.08 14.42 -4.63
CA GLU B 74 -22.84 15.59 -3.81
C GLU B 74 -21.39 16.08 -3.89
N ILE B 75 -20.47 15.13 -3.94
CA ILE B 75 -19.03 15.39 -3.81
C ILE B 75 -18.34 15.70 -5.13
N CYS B 76 -18.78 15.05 -6.21
CA CYS B 76 -18.09 15.13 -7.51
C CYS B 76 -18.66 16.18 -8.45
N THR B 77 -17.78 16.73 -9.29
CA THR B 77 -18.20 17.56 -10.42
C THR B 77 -17.69 16.93 -11.72
N SER B 78 -17.96 17.57 -12.85
CA SER B 78 -17.55 17.03 -14.14
C SER B 78 -16.01 17.03 -14.31
N GLU B 79 -15.31 17.81 -13.50
CA GLU B 79 -13.85 17.91 -13.59
C GLU B 79 -13.11 16.90 -12.69
N THR B 80 -13.87 16.22 -11.82
CA THR B 80 -13.33 15.26 -10.86
C THR B 80 -12.68 14.05 -11.52
N LEU B 81 -11.54 13.60 -10.98
CA LEU B 81 -11.02 12.27 -11.33
C LEU B 81 -11.45 11.30 -10.25
N LEU B 82 -12.38 10.38 -10.57
CA LEU B 82 -12.85 9.39 -9.60
C LEU B 82 -11.95 8.16 -9.60
N VAL B 83 -11.33 7.90 -8.45
CA VAL B 83 -10.40 6.79 -8.27
C VAL B 83 -11.04 5.68 -7.42
N VAL B 84 -11.07 4.46 -7.96
CA VAL B 84 -11.67 3.31 -7.25
C VAL B 84 -10.63 2.21 -7.09
N PRO B 85 -10.00 2.10 -5.90
CA PRO B 85 -9.08 0.99 -5.66
C PRO B 85 -9.79 -0.37 -5.70
N THR B 86 -9.27 -1.31 -6.48
CA THR B 86 -9.83 -2.66 -6.59
C THR B 86 -8.77 -3.65 -7.11
N PRO B 87 -8.80 -4.91 -6.62
CA PRO B 87 -7.84 -5.91 -7.08
C PRO B 87 -7.94 -6.18 -8.59
N ALA B 88 -9.08 -5.84 -9.18
CA ALA B 88 -9.31 -6.08 -10.60
C ALA B 88 -9.02 -4.83 -11.45
N GLY B 89 -8.28 -3.88 -10.90
CA GLY B 89 -8.03 -2.63 -11.61
C GLY B 89 -6.83 -2.65 -12.55
N TYR B 90 -6.70 -1.60 -13.36
CA TYR B 90 -5.43 -1.33 -14.07
C TYR B 90 -4.32 -1.08 -13.04
N PRO B 91 -3.05 -1.41 -13.36
CA PRO B 91 -2.02 -1.16 -12.33
C PRO B 91 -1.75 0.33 -12.06
N PHE B 92 -1.64 0.69 -10.78
CA PHE B 92 -1.17 2.01 -10.37
C PHE B 92 0.36 1.98 -10.29
N THR B 93 1.03 2.79 -11.12
CA THR B 93 2.49 2.84 -11.21
C THR B 93 3.03 4.25 -10.92
N GLN B 94 4.36 4.42 -10.91
CA GLN B 94 4.95 5.75 -10.77
C GLN B 94 4.48 6.69 -11.88
N GLU B 95 4.25 6.14 -13.07
CA GLU B 95 3.76 6.98 -14.18
C GLU B 95 2.35 7.52 -13.86
N THR B 96 1.51 6.66 -13.27
CA THR B 96 0.17 7.08 -12.82
C THR B 96 0.26 8.20 -11.78
N ALA B 97 1.20 8.06 -10.83
CA ALA B 97 1.37 9.08 -9.79
C ALA B 97 1.74 10.42 -10.40
N TRP B 98 2.67 10.43 -11.36
CA TRP B 98 3.01 11.68 -12.04
C TRP B 98 1.80 12.28 -12.76
N GLN B 99 1.02 11.42 -13.41
CA GLN B 99 -0.14 11.90 -14.14
C GLN B 99 -1.14 12.55 -13.20
N TRP B 100 -1.42 11.90 -12.08
CA TRP B 100 -2.46 12.41 -11.18
C TRP B 100 -1.97 13.61 -10.35
N SER B 101 -0.65 13.83 -10.32
CA SER B 101 -0.09 14.94 -9.52
C SER B 101 -0.49 16.36 -9.96
N THR B 102 -1.02 16.52 -11.18
CA THR B 102 -1.43 17.84 -11.64
C THR B 102 -2.95 18.02 -11.70
N GLU B 103 -3.68 17.09 -11.11
CA GLU B 103 -5.15 17.15 -11.05
C GLU B 103 -5.63 18.16 -10.00
N ASP B 104 -6.77 18.79 -10.26
CA ASP B 104 -7.36 19.73 -9.30
C ASP B 104 -8.14 19.00 -8.19
N HIS B 105 -8.72 17.85 -8.52
CA HIS B 105 -9.66 17.20 -7.60
C HIS B 105 -9.71 15.67 -7.78
N LEU B 106 -9.22 14.93 -6.78
CA LEU B 106 -9.33 13.47 -6.73
C LEU B 106 -10.43 13.10 -5.74
N VAL B 107 -11.29 12.18 -6.13
CA VAL B 107 -12.23 11.55 -5.19
C VAL B 107 -11.92 10.06 -5.15
N ILE B 108 -11.66 9.53 -3.96
CA ILE B 108 -11.27 8.14 -3.82
C ILE B 108 -12.35 7.36 -3.09
N ALA B 109 -12.94 6.39 -3.79
CA ALA B 109 -14.06 5.60 -3.24
C ALA B 109 -13.57 4.24 -2.71
N CYS B 110 -13.65 4.06 -1.40
CA CYS B 110 -13.12 2.84 -0.76
C CYS B 110 -14.21 1.80 -0.58
N GLY B 111 -14.02 0.65 -1.22
CA GLY B 111 -14.94 -0.46 -1.06
C GLY B 111 -14.58 -1.37 0.09
N ARG B 112 -15.57 -2.12 0.54
CA ARG B 112 -15.43 -3.18 1.55
C ARG B 112 -16.24 -4.37 1.05
N TYR B 113 -16.40 -5.38 1.91
CA TYR B 113 -17.06 -6.63 1.53
C TYR B 113 -16.42 -7.20 0.26
N GLU B 114 -17.24 -7.59 -0.71
CA GLU B 114 -16.71 -8.12 -1.97
C GLU B 114 -16.66 -7.09 -3.10
N GLY B 115 -16.86 -5.82 -2.78
CA GLY B 115 -16.73 -4.76 -3.77
C GLY B 115 -17.99 -3.92 -3.95
N ILE B 116 -17.95 -3.00 -4.91
CA ILE B 116 -19.03 -2.05 -5.18
C ILE B 116 -19.77 -2.46 -6.45
N ASP B 117 -21.10 -2.42 -6.43
CA ASP B 117 -21.92 -2.64 -7.62
C ASP B 117 -21.32 -1.92 -8.85
N GLN B 118 -21.11 -2.65 -9.95
CA GLN B 118 -20.41 -2.10 -11.11
C GLN B 118 -21.10 -0.87 -11.74
N ARG B 119 -22.41 -0.73 -11.51
CA ARG B 119 -23.14 0.39 -12.11
C ARG B 119 -22.73 1.73 -11.50
N VAL B 120 -22.12 1.73 -10.31
CA VAL B 120 -21.61 2.98 -9.74
C VAL B 120 -20.55 3.62 -10.66
N ALA B 121 -19.52 2.85 -10.99
CA ALA B 121 -18.49 3.33 -11.91
C ALA B 121 -19.05 3.62 -13.30
N ASP B 122 -19.97 2.77 -13.77
CA ASP B 122 -20.56 2.99 -15.10
C ASP B 122 -21.32 4.32 -15.18
N ASP B 123 -22.17 4.57 -14.18
CA ASP B 123 -22.94 5.79 -14.14
C ASP B 123 -22.03 7.00 -14.03
N ALA B 124 -21.03 6.94 -13.14
CA ALA B 124 -20.15 8.09 -12.96
C ALA B 124 -19.38 8.42 -14.24
N ALA B 125 -19.04 7.39 -15.02
CA ALA B 125 -18.25 7.60 -16.23
C ALA B 125 -19.03 8.36 -17.32
N THR B 126 -20.34 8.47 -17.15
CA THR B 126 -21.12 9.28 -18.10
C THR B 126 -21.00 10.78 -17.80
N ARG B 127 -20.36 11.13 -16.70
CA ARG B 127 -20.33 12.50 -16.17
CA ARG B 127 -20.27 12.56 -16.41
C ARG B 127 -18.89 13.00 -15.94
N MET B 128 -17.99 12.06 -15.65
CA MET B 128 -16.62 12.39 -15.25
C MET B 128 -15.64 11.28 -15.66
N ARG B 129 -14.33 11.53 -15.53
CA ARG B 129 -13.32 10.50 -15.78
C ARG B 129 -13.22 9.55 -14.58
N VAL B 130 -13.19 8.23 -14.84
CA VAL B 130 -13.12 7.21 -13.80
C VAL B 130 -11.91 6.29 -13.99
N ARG B 131 -11.21 5.97 -12.90
CA ARG B 131 -10.05 5.08 -12.98
C ARG B 131 -10.12 3.98 -11.93
N GLU B 132 -10.31 2.73 -12.34
CA GLU B 132 -10.22 1.61 -11.40
C GLU B 132 -8.78 1.09 -11.37
N VAL B 133 -8.15 1.04 -10.20
CA VAL B 133 -6.72 0.68 -10.14
C VAL B 133 -6.37 -0.24 -8.98
N SER B 134 -5.35 -1.08 -9.22
CA SER B 134 -4.79 -1.96 -8.19
CA SER B 134 -4.80 -1.93 -8.15
C SER B 134 -3.40 -1.46 -7.77
N ILE B 135 -3.02 -1.59 -6.48
CA ILE B 135 -1.66 -1.14 -6.10
C ILE B 135 -0.63 -2.28 -6.01
N GLY B 136 -1.08 -3.51 -6.25
CA GLY B 136 -0.19 -4.66 -6.22
C GLY B 136 -0.98 -5.95 -6.20
N ASP B 137 -0.28 -7.08 -6.32
CA ASP B 137 -0.97 -8.36 -6.40
C ASP B 137 -0.92 -9.09 -5.05
N TYR B 138 -1.59 -8.51 -4.08
CA TYR B 138 -1.81 -9.16 -2.80
C TYR B 138 -3.25 -8.81 -2.47
N VAL B 139 -3.86 -9.57 -1.57
CA VAL B 139 -5.27 -9.35 -1.24
C VAL B 139 -5.44 -8.52 0.04
N LEU B 140 -6.32 -7.52 -0.02
CA LEU B 140 -6.66 -6.73 1.17
C LEU B 140 -8.15 -6.87 1.53
N ASN B 141 -8.54 -6.47 2.74
CA ASN B 141 -9.95 -6.50 3.14
C ASN B 141 -10.77 -5.33 2.57
N GLY B 142 -10.11 -4.24 2.18
CA GLY B 142 -10.81 -3.07 1.71
C GLY B 142 -9.89 -2.07 1.05
N GLY B 143 -10.46 -1.01 0.46
CA GLY B 143 -9.66 -0.04 -0.28
C GLY B 143 -8.89 1.01 0.52
N GLU B 144 -9.13 1.08 1.84
CA GLU B 144 -8.58 2.15 2.67
C GLU B 144 -7.05 2.21 2.68
N ALA B 145 -6.38 1.07 2.87
CA ALA B 145 -4.90 1.05 2.85
C ALA B 145 -4.36 1.48 1.49
N ALA B 146 -5.04 1.06 0.43
CA ALA B 146 -4.67 1.45 -0.94
C ALA B 146 -4.83 2.96 -1.15
N ALA B 147 -5.89 3.55 -0.61
CA ALA B 147 -6.08 4.99 -0.69
C ALA B 147 -4.92 5.74 -0.03
N LEU B 148 -4.44 5.25 1.12
CA LEU B 148 -3.31 5.87 1.79
C LEU B 148 -2.02 5.81 0.95
N VAL B 149 -1.77 4.67 0.31
CA VAL B 149 -0.61 4.55 -0.56
C VAL B 149 -0.71 5.51 -1.76
N ILE B 150 -1.89 5.57 -2.39
CA ILE B 150 -2.08 6.48 -3.54
C ILE B 150 -1.87 7.94 -3.14
N ILE B 151 -2.43 8.34 -2.00
CA ILE B 151 -2.29 9.72 -1.53
C ILE B 151 -0.82 10.06 -1.29
N GLU B 152 -0.09 9.14 -0.67
CA GLU B 152 1.34 9.38 -0.42
C GLU B 152 2.16 9.49 -1.71
N ALA B 153 1.88 8.60 -2.67
CA ALA B 153 2.64 8.57 -3.92
C ALA B 153 2.39 9.81 -4.78
N VAL B 154 1.16 10.31 -4.74
CA VAL B 154 0.77 11.46 -5.56
C VAL B 154 1.23 12.78 -4.91
N LEU B 155 1.03 12.92 -3.60
CA LEU B 155 1.25 14.22 -2.95
C LEU B 155 2.71 14.66 -2.94
N ARG B 156 3.64 13.70 -2.88
CA ARG B 156 5.05 14.05 -2.84
C ARG B 156 5.54 14.57 -4.20
N LEU B 157 4.70 14.45 -5.23
CA LEU B 157 5.05 14.91 -6.57
C LEU B 157 4.44 16.26 -6.93
N VAL B 158 3.51 16.74 -6.11
CA VAL B 158 2.79 17.99 -6.41
C VAL B 158 3.75 19.18 -6.39
N PRO B 159 3.69 20.03 -7.43
CA PRO B 159 4.59 21.19 -7.54
C PRO B 159 4.50 22.07 -6.31
N GLY B 160 5.52 22.03 -5.46
CA GLY B 160 5.48 22.76 -4.19
C GLY B 160 5.95 21.93 -3.02
N VAL B 161 5.93 20.61 -3.17
CA VAL B 161 6.39 19.70 -2.13
C VAL B 161 7.84 19.27 -2.37
N SER B 179 12.58 2.08 -13.63
CA SER B 179 13.91 2.40 -14.15
C SER B 179 14.92 1.34 -13.72
N LEU B 180 15.59 1.61 -12.60
CA LEU B 180 16.65 0.78 -12.07
C LEU B 180 16.62 0.92 -10.56
N LEU B 181 17.08 -0.07 -9.79
CA LEU B 181 16.94 0.01 -8.33
C LEU B 181 18.07 0.80 -7.69
N GLU B 182 17.76 1.53 -6.63
CA GLU B 182 18.80 2.24 -5.89
C GLU B 182 19.67 1.23 -5.14
N GLY B 183 20.97 1.48 -5.13
CA GLY B 183 21.90 0.63 -4.43
C GLY B 183 21.96 0.98 -2.95
N PRO B 184 22.86 0.34 -2.22
CA PRO B 184 23.01 0.56 -0.77
C PRO B 184 23.53 1.94 -0.43
N SER B 185 23.12 2.48 0.73
CA SER B 185 23.58 3.77 1.23
CA SER B 185 23.64 3.76 1.19
C SER B 185 24.26 3.61 2.58
N TYR B 186 25.14 4.55 2.92
CA TYR B 186 25.92 4.46 4.17
C TYR B 186 26.10 5.85 4.79
N THR B 187 26.24 5.89 6.12
CA THR B 187 26.61 7.15 6.80
C THR B 187 27.52 6.84 8.01
N ARG B 188 27.85 7.84 8.84
CA ARG B 188 28.88 7.68 9.89
C ARG B 188 28.42 6.72 11.01
N PRO B 189 29.37 6.02 11.66
CA PRO B 189 30.83 6.01 11.51
C PRO B 189 31.33 5.14 10.35
N PRO B 190 32.57 5.37 9.91
CA PRO B 190 33.11 4.63 8.76
C PRO B 190 33.35 3.14 9.04
N SER B 191 33.46 2.78 10.31
CA SER B 191 33.55 1.38 10.71
C SER B 191 32.56 1.12 11.86
N TRP B 192 31.72 0.09 11.74
CA TRP B 192 30.70 -0.21 12.76
C TRP B 192 30.55 -1.71 12.97
N ARG B 193 30.74 -2.19 14.21
CA ARG B 193 30.71 -3.62 14.51
C ARG B 193 31.64 -4.43 13.60
N GLY B 194 32.78 -3.84 13.22
CA GLY B 194 33.72 -4.50 12.33
C GLY B 194 33.32 -4.54 10.86
N MET B 195 32.28 -3.77 10.50
CA MET B 195 31.85 -3.65 9.10
C MET B 195 32.23 -2.27 8.56
N ASP B 196 33.03 -2.24 7.49
CA ASP B 196 33.56 -0.98 6.94
C ASP B 196 32.72 -0.46 5.75
N VAL B 197 32.48 0.85 5.74
CA VAL B 197 31.90 1.49 4.55
C VAL B 197 32.83 1.23 3.36
N PRO B 198 32.26 0.90 2.17
CA PRO B 198 33.13 0.70 1.01
C PRO B 198 34.10 1.87 0.76
N PRO B 199 35.41 1.58 0.73
CA PRO B 199 36.45 2.61 0.69
C PRO B 199 36.28 3.63 -0.44
N VAL B 200 35.76 3.18 -1.58
CA VAL B 200 35.54 4.10 -2.70
C VAL B 200 34.65 5.27 -2.29
N LEU B 201 33.69 5.04 -1.40
CA LEU B 201 32.76 6.09 -0.98
C LEU B 201 33.45 7.14 -0.12
N LEU B 202 34.60 6.78 0.45
CA LEU B 202 35.37 7.73 1.26
C LEU B 202 36.45 8.46 0.45
N SER B 203 36.60 8.13 -0.83
CA SER B 203 37.76 8.54 -1.61
C SER B 203 37.65 9.94 -2.21
N GLY B 204 36.45 10.48 -2.29
CA GLY B 204 36.24 11.78 -2.91
C GLY B 204 36.38 11.78 -4.43
N ASP B 205 36.45 10.60 -5.03
CA ASP B 205 36.55 10.50 -6.50
C ASP B 205 35.16 10.33 -7.10
N HIS B 206 34.61 11.42 -7.65
CA HIS B 206 33.23 11.41 -8.14
C HIS B 206 32.99 10.40 -9.25
N ALA B 207 33.95 10.28 -10.16
CA ALA B 207 33.82 9.34 -11.26
C ALA B 207 33.80 7.90 -10.78
N LYS B 208 34.71 7.57 -9.86
CA LYS B 208 34.79 6.21 -9.34
C LYS B 208 33.56 5.87 -8.50
N ILE B 209 33.08 6.84 -7.73
CA ILE B 209 31.89 6.65 -6.90
C ILE B 209 30.67 6.43 -7.76
N ALA B 210 30.54 7.23 -8.82
CA ALA B 210 29.42 7.08 -9.76
C ALA B 210 29.43 5.69 -10.38
N ALA B 211 30.62 5.24 -10.78
CA ALA B 211 30.77 3.94 -11.43
C ALA B 211 30.41 2.80 -10.48
N TRP B 212 30.93 2.86 -9.26
CA TRP B 212 30.65 1.83 -8.27
C TRP B 212 29.14 1.74 -7.97
N ARG B 213 28.50 2.90 -7.89
CA ARG B 213 27.06 2.95 -7.58
C ARG B 213 26.24 2.39 -8.74
N ALA B 214 26.74 2.55 -9.97
CA ALA B 214 26.09 1.98 -11.15
C ALA B 214 26.16 0.45 -11.10
N GLU B 215 27.34 -0.07 -10.80
CA GLU B 215 27.54 -1.52 -10.71
C GLU B 215 26.70 -2.15 -9.58
N GLN B 216 26.61 -1.47 -8.44
CA GLN B 216 25.79 -1.96 -7.32
C GLN B 216 24.31 -2.05 -7.69
N SER B 217 23.83 -1.00 -8.35
CA SER B 217 22.46 -0.91 -8.82
CA SER B 217 22.44 -0.95 -8.79
C SER B 217 22.16 -2.03 -9.83
N ARG B 218 23.11 -2.28 -10.73
CA ARG B 218 22.95 -3.33 -11.75
C ARG B 218 22.80 -4.70 -11.11
N GLN B 219 23.68 -4.96 -10.16
CA GLN B 219 23.70 -6.23 -9.45
C GLN B 219 22.38 -6.43 -8.69
N ARG B 220 21.93 -5.37 -8.01
CA ARG B 220 20.72 -5.46 -7.19
C ARG B 220 19.48 -5.62 -8.08
N THR B 221 19.46 -4.95 -9.23
CA THR B 221 18.29 -5.05 -10.11
C THR B 221 18.19 -6.43 -10.74
N ILE B 222 19.30 -6.98 -11.24
CA ILE B 222 19.24 -8.30 -11.86
C ILE B 222 18.84 -9.36 -10.80
N GLU B 223 19.26 -9.15 -9.54
CA GLU B 223 18.95 -10.09 -8.46
C GLU B 223 17.50 -10.00 -7.97
N ARG B 224 17.03 -8.77 -7.74
CA ARG B 224 15.72 -8.59 -7.10
C ARG B 224 14.58 -8.30 -8.09
N ARG B 225 14.88 -7.60 -9.18
CA ARG B 225 13.84 -7.22 -10.13
C ARG B 225 14.27 -7.42 -11.59
N PRO B 226 14.54 -8.68 -12.01
CA PRO B 226 15.05 -8.89 -13.37
C PRO B 226 14.06 -8.42 -14.44
N ASP B 227 12.78 -8.32 -14.09
CA ASP B 227 11.77 -7.84 -15.02
C ASP B 227 12.04 -6.42 -15.53
N LEU B 228 12.61 -5.56 -14.68
CA LEU B 228 12.87 -4.17 -15.05
C LEU B 228 13.92 -4.07 -16.16
N LEU B 229 14.73 -5.11 -16.31
CA LEU B 229 15.75 -5.14 -17.39
C LEU B 229 15.36 -6.08 -18.53
N GLY B 230 14.11 -6.55 -18.52
CA GLY B 230 13.62 -7.36 -19.62
C GLY B 230 14.02 -8.82 -19.53
N PHE B 231 14.11 -9.35 -18.31
CA PHE B 231 14.43 -10.78 -18.10
C PHE B 231 13.30 -11.50 -17.38
N ASP B 232 13.25 -12.82 -17.55
CA ASP B 232 12.20 -13.66 -16.94
C ASP B 232 12.10 -13.55 -15.42
N SER B 233 10.89 -13.83 -14.93
CA SER B 233 10.56 -13.87 -13.50
C SER B 233 10.55 -12.48 -12.90
C10 JA5 C . -9.02 -4.93 -2.11
C13 JA5 C . -13.59 -3.64 -2.16
O01 JA5 C . -4.03 -3.43 -5.11
C02 JA5 C . -4.16 -4.14 -3.95
C03 JA5 C . -5.63 -4.02 -3.54
C04 JA5 C . -6.37 -5.04 -2.88
C05 JA5 C . -7.82 -4.53 -2.65
C06 JA5 C . -7.98 -3.21 -3.16
S07 JA5 C . -6.58 -2.70 -3.80
N08 JA5 C . -9.30 -2.83 -2.90
C09 JA5 C . -9.93 -3.84 -2.27
C11 JA5 C . -11.37 -3.95 -1.80
O12 JA5 C . -12.31 -2.99 -2.12
O14 JA5 C . -11.69 -4.91 -1.15
#